data_6BGB
#
_entry.id   6BGB
#
_cell.length_a   74.640
_cell.length_b   43.150
_cell.length_c   48.940
_cell.angle_alpha   90.00
_cell.angle_beta   120.46
_cell.angle_gamma   90.00
#
_symmetry.space_group_name_H-M   'C 1 2 1'
#
loop_
_entity.id
_entity.type
_entity.pdbx_description
1 polymer "(5'-R(*GP*CP*AP*GP*(A7C)P*CP*UP*UP*AP*AP*GP*UP*CP*UP*GP*C)-3')"
2 water water
#
_entity_poly.entity_id   1
_entity_poly.type   'polyribonucleotide'
_entity_poly.pdbx_seq_one_letter_code
;GCAG(A7C)CUUAAGUCUGC
;
_entity_poly.pdbx_strand_id   A,B,C
#